data_9JM1
#
_entry.id   9JM1
#
_cell.length_a   75.748
_cell.length_b   75.748
_cell.length_c   130.030
_cell.angle_alpha   90.00
_cell.angle_beta   90.00
_cell.angle_gamma   120.00
#
_symmetry.space_group_name_H-M   'P 31 2 1'
#
loop_
_entity.id
_entity.type
_entity.pdbx_description
1 polymer 'light-responsive oligomer C2-5'
2 non-polymer 'SODIUM ION'
3 water water
#
_entity_poly.entity_id   1
_entity_poly.type   'polypeptide(L)'
_entity_poly.pdbx_seq_one_letter_code
;MGEFEKRAKELIERAKKLNTRSARTAIV(OZW)LANLIATYKELKKEGNEKELKLLQQSLAHMQALLEQEEHHHHHH
;
_entity_poly.pdbx_strand_id   A,B,C,D,E
#
# COMPACT_ATOMS: atom_id res chain seq x y z
N GLY A 2 -3.79 29.27 -2.59
CA GLY A 2 -3.49 27.87 -2.86
C GLY A 2 -4.08 27.24 -4.10
N GLU A 3 -5.32 27.54 -4.42
CA GLU A 3 -5.93 27.01 -5.61
C GLU A 3 -5.95 25.49 -5.55
N PHE A 4 -4.92 24.82 -6.04
CA PHE A 4 -5.01 23.36 -6.04
C PHE A 4 -4.91 22.82 -4.62
N GLU A 5 -4.03 23.42 -3.83
CA GLU A 5 -3.80 22.92 -2.49
C GLU A 5 -4.97 23.11 -1.61
N LYS A 6 -5.69 24.18 -1.82
CA LYS A 6 -6.80 24.49 -0.97
C LYS A 6 -7.94 23.53 -1.18
N ARG A 7 -8.25 23.20 -2.42
CA ARG A 7 -9.26 22.22 -2.69
C ARG A 7 -8.83 20.83 -2.22
N ALA A 8 -7.54 20.50 -2.34
CA ALA A 8 -7.09 19.23 -1.80
C ALA A 8 -7.17 19.19 -0.28
N LYS A 9 -6.80 20.29 0.40
CA LYS A 9 -6.90 20.33 1.84
C LYS A 9 -8.36 20.31 2.30
N GLU A 10 -9.25 20.96 1.54
CA GLU A 10 -10.67 20.86 1.83
C GLU A 10 -11.14 19.43 1.66
N LEU A 11 -10.56 18.70 0.72
CA LEU A 11 -10.84 17.27 0.60
C LEU A 11 -10.19 16.47 1.72
N ILE A 12 -9.01 16.90 2.16
CA ILE A 12 -8.37 16.26 3.31
C ILE A 12 -9.24 16.37 4.55
N GLU A 13 -9.70 17.58 4.83
CA GLU A 13 -10.61 17.82 5.94
C GLU A 13 -11.87 17.02 5.72
N ARG A 14 -12.41 17.08 4.51
CA ARG A 14 -13.75 16.58 4.32
C ARG A 14 -13.77 15.08 4.55
N ALA A 15 -12.74 14.41 4.02
CA ALA A 15 -12.50 12.97 4.11
C ALA A 15 -12.05 12.54 5.51
N LYS A 16 -11.40 13.45 6.25
CA LYS A 16 -10.93 13.11 7.59
C LYS A 16 -12.04 12.80 8.55
N LYS A 17 -13.26 13.12 8.19
CA LYS A 17 -14.36 12.89 9.07
C LYS A 17 -15.09 11.58 8.74
N LEU A 18 -14.50 10.74 7.92
CA LEU A 18 -15.10 9.45 7.63
C LEU A 18 -14.31 8.44 8.39
N ASN A 19 -13.08 8.82 8.72
CA ASN A 19 -12.17 7.92 9.41
C ASN A 19 -12.28 6.45 9.08
N THR A 20 -11.86 6.08 7.88
CA THR A 20 -11.82 4.68 7.52
C THR A 20 -10.43 4.37 6.98
N ARG A 21 -10.20 3.14 6.58
CA ARG A 21 -8.91 2.77 6.02
C ARG A 21 -8.75 3.34 4.64
N SER A 22 -9.78 3.21 3.83
CA SER A 22 -9.78 3.70 2.48
C SER A 22 -9.55 5.18 2.44
N ALA A 23 -10.22 5.88 3.31
CA ALA A 23 -10.09 7.30 3.39
C ALA A 23 -8.75 7.74 3.92
N ARG A 24 -8.16 6.98 4.81
CA ARG A 24 -6.82 7.36 5.22
C ARG A 24 -5.82 7.11 4.10
N THR A 25 -6.22 6.33 3.09
CA THR A 25 -5.40 6.15 1.91
C THR A 25 -5.62 7.30 0.92
N ALA A 26 -6.84 7.81 0.86
CA ALA A 26 -7.11 8.98 0.04
C ALA A 26 -6.45 10.23 0.62
N ILE A 27 -6.41 10.34 1.95
CA ILE A 27 -5.81 11.51 2.58
C ILE A 27 -4.30 11.56 2.32
N VAL A 28 -3.63 10.43 2.50
CA VAL A 28 -2.19 10.34 2.23
C VAL A 28 -1.91 10.69 0.78
N LEU A 30 -3.85 12.55 -1.39
CA LEU A 30 -4.12 13.97 -1.62
C LEU A 30 -3.01 14.84 -1.05
N ALA A 31 -2.47 14.44 0.10
CA ALA A 31 -1.29 15.13 0.64
C ALA A 31 -0.12 15.03 -0.32
N ASN A 32 0.05 13.86 -0.94
CA ASN A 32 1.11 13.69 -1.94
C ASN A 32 0.82 14.49 -3.20
N LEU A 33 -0.44 14.65 -3.58
CA LEU A 33 -0.76 15.48 -4.75
C LEU A 33 -0.37 16.93 -4.51
N ILE A 34 -0.60 17.43 -3.30
CA ILE A 34 -0.18 18.79 -2.95
C ILE A 34 1.33 18.94 -3.09
N ALA A 35 2.07 17.99 -2.53
CA ALA A 35 3.53 18.08 -2.57
C ALA A 35 4.04 17.98 -4.01
N THR A 36 3.45 17.09 -4.80
CA THR A 36 3.85 16.98 -6.20
C THR A 36 3.45 18.23 -6.98
N TYR A 37 2.29 18.81 -6.66
CA TYR A 37 1.82 19.99 -7.37
C TYR A 37 2.74 21.18 -7.13
N LYS A 38 3.21 21.36 -5.89
CA LYS A 38 4.09 22.48 -5.59
C LYS A 38 5.38 22.39 -6.39
N GLU A 39 5.91 21.17 -6.56
CA GLU A 39 7.13 21.01 -7.34
C GLU A 39 6.89 21.26 -8.82
N LEU A 40 5.81 20.70 -9.36
CA LEU A 40 5.53 20.88 -10.79
C LEU A 40 5.21 22.33 -11.12
N LYS A 41 4.69 23.10 -10.16
CA LYS A 41 4.49 24.52 -10.40
C LYS A 41 5.82 25.25 -10.51
N LYS A 42 6.78 24.90 -9.64
CA LYS A 42 8.12 25.45 -9.75
C LYS A 42 8.79 25.02 -11.05
N GLU A 43 8.55 23.77 -11.47
CA GLU A 43 9.13 23.27 -12.71
C GLU A 43 8.45 23.86 -13.93
N GLY A 44 7.24 24.40 -13.80
CA GLY A 44 6.56 24.92 -14.96
C GLY A 44 5.97 23.86 -15.86
N ASN A 45 5.61 22.70 -15.31
CA ASN A 45 5.09 21.59 -16.11
C ASN A 45 3.58 21.69 -16.07
N GLU A 46 3.00 22.31 -17.10
CA GLU A 46 1.58 22.62 -17.10
C GLU A 46 0.74 21.45 -17.56
N LYS A 47 1.32 20.55 -18.36
CA LYS A 47 0.59 19.34 -18.74
C LYS A 47 0.36 18.45 -17.53
N GLU A 48 1.36 18.34 -16.67
CA GLU A 48 1.24 17.53 -15.46
C GLU A 48 0.44 18.26 -14.39
N LEU A 49 0.49 19.60 -14.38
CA LEU A 49 -0.36 20.36 -13.47
C LEU A 49 -1.83 20.13 -13.80
N LYS A 50 -2.16 20.15 -15.10
CA LYS A 50 -3.50 19.79 -15.54
C LYS A 50 -3.84 18.36 -15.17
N LEU A 51 -2.89 17.44 -15.37
CA LEU A 51 -3.12 16.04 -15.03
C LEU A 51 -3.47 15.87 -13.55
N LEU A 52 -2.74 16.54 -12.67
CA LEU A 52 -3.03 16.46 -11.24
C LEU A 52 -4.34 17.16 -10.89
N GLN A 53 -4.67 18.26 -11.58
CA GLN A 53 -5.95 18.91 -11.36
C GLN A 53 -7.10 17.98 -11.72
N GLN A 54 -6.93 17.20 -12.78
CA GLN A 54 -7.94 16.20 -13.14
C GLN A 54 -8.05 15.13 -12.06
N SER A 55 -6.92 14.65 -11.55
CA SER A 55 -6.95 13.67 -10.47
C SER A 55 -7.66 14.22 -9.25
N LEU A 56 -7.53 15.52 -8.99
CA LEU A 56 -8.22 16.13 -7.85
C LEU A 56 -9.73 16.13 -8.05
N ALA A 57 -10.19 16.23 -9.30
CA ALA A 57 -11.62 16.31 -9.55
C ALA A 57 -12.24 14.92 -9.64
N HIS A 58 -11.41 13.90 -9.79
CA HIS A 58 -11.88 12.52 -9.73
C HIS A 58 -11.97 12.08 -8.28
N MET A 59 -10.96 12.41 -7.47
CA MET A 59 -11.03 12.11 -6.05
C MET A 59 -12.18 12.83 -5.38
N GLN A 60 -12.55 14.00 -5.89
CA GLN A 60 -13.71 14.68 -5.32
C GLN A 60 -15.00 13.92 -5.61
N ALA A 61 -15.07 13.20 -6.73
CA ALA A 61 -16.32 12.53 -7.05
C ALA A 61 -16.42 11.16 -6.41
N LEU A 62 -15.32 10.68 -5.83
CA LEU A 62 -15.33 9.43 -5.08
C LEU A 62 -15.66 9.72 -3.62
N LEU A 63 -15.16 10.85 -3.11
CA LEU A 63 -15.37 11.27 -1.74
C LEU A 63 -16.60 12.15 -1.57
N GLU A 64 -17.24 12.57 -2.65
CA GLU A 64 -18.57 13.17 -2.56
C GLU A 64 -19.64 12.10 -2.42
N GLN A 65 -19.52 11.02 -3.20
CA GLN A 65 -20.48 9.92 -3.13
C GLN A 65 -20.36 9.14 -1.83
N GLU A 66 -19.16 9.14 -1.23
CA GLU A 66 -18.95 8.36 -0.02
C GLU A 66 -19.65 8.98 1.18
N GLU A 67 -19.43 10.28 1.39
CA GLU A 67 -19.98 10.98 2.54
C GLU A 67 -21.51 11.12 2.46
N GLY B 2 -5.74 -12.41 -9.00
CA GLY B 2 -5.60 -11.29 -8.09
C GLY B 2 -6.77 -10.33 -8.14
N GLU B 3 -7.41 -10.24 -9.31
CA GLU B 3 -8.62 -9.44 -9.50
C GLU B 3 -8.27 -7.95 -9.42
N PHE B 4 -8.14 -7.39 -8.23
CA PHE B 4 -7.73 -5.99 -8.09
C PHE B 4 -6.26 -5.77 -8.42
N GLU B 5 -5.38 -6.64 -7.90
CA GLU B 5 -3.94 -6.39 -7.96
C GLU B 5 -3.39 -6.38 -9.39
N LYS B 6 -3.78 -7.36 -10.21
CA LYS B 6 -3.18 -7.48 -11.54
C LYS B 6 -3.53 -6.29 -12.42
N ARG B 7 -4.73 -5.73 -12.26
CA ARG B 7 -5.09 -4.54 -13.02
C ARG B 7 -4.37 -3.33 -12.48
N ALA B 8 -4.19 -3.26 -11.15
CA ALA B 8 -3.37 -2.20 -10.57
C ALA B 8 -1.94 -2.29 -11.08
N LYS B 9 -1.43 -3.50 -11.25
CA LYS B 9 -0.09 -3.67 -11.84
C LYS B 9 -0.10 -3.27 -13.31
N GLU B 10 -1.21 -3.49 -14.02
CA GLU B 10 -1.31 -3.01 -15.40
C GLU B 10 -1.26 -1.49 -15.45
N LEU B 11 -1.86 -0.81 -14.47
CA LEU B 11 -1.79 0.64 -14.42
C LEU B 11 -0.40 1.13 -14.01
N ILE B 12 0.26 0.38 -13.13
CA ILE B 12 1.63 0.70 -12.76
C ILE B 12 2.55 0.60 -13.98
N GLU B 13 2.39 -0.45 -14.78
CA GLU B 13 3.21 -0.63 -15.97
C GLU B 13 3.08 0.54 -16.93
N ARG B 14 1.84 0.94 -17.24
CA ARG B 14 1.65 2.06 -18.16
C ARG B 14 2.14 3.37 -17.56
N ALA B 15 2.00 3.55 -16.25
CA ALA B 15 2.46 4.78 -15.63
C ALA B 15 3.98 4.90 -15.67
N LYS B 16 4.68 3.76 -15.60
CA LYS B 16 6.13 3.79 -15.66
C LYS B 16 6.65 4.18 -17.03
N LYS B 17 5.86 3.99 -18.08
CA LYS B 17 6.30 4.35 -19.43
C LYS B 17 6.05 5.81 -19.75
N LEU B 18 5.63 6.59 -18.76
CA LEU B 18 5.49 8.03 -18.93
C LEU B 18 6.75 8.76 -18.52
N ASN B 19 7.47 8.21 -17.53
CA ASN B 19 8.72 8.78 -17.03
C ASN B 19 8.53 10.24 -16.64
N THR B 20 7.47 10.50 -15.89
CA THR B 20 7.11 11.82 -15.40
C THR B 20 7.03 11.82 -13.88
N ARG B 21 7.24 13.03 -13.32
CA ARG B 21 7.10 13.21 -11.88
C ARG B 21 5.70 12.86 -11.40
N SER B 22 4.67 13.27 -12.15
CA SER B 22 3.30 12.96 -11.76
C SER B 22 3.03 11.46 -11.78
N ALA B 23 3.70 10.71 -12.67
CA ALA B 23 3.46 9.28 -12.75
C ALA B 23 4.08 8.53 -11.58
N ARG B 24 5.11 9.08 -10.96
CA ARG B 24 5.69 8.44 -9.79
C ARG B 24 4.82 8.64 -8.57
N THR B 25 3.90 9.61 -8.62
CA THR B 25 2.91 9.77 -7.57
C THR B 25 1.74 8.83 -7.79
N ALA B 26 1.39 8.56 -9.05
CA ALA B 26 0.37 7.57 -9.34
C ALA B 26 0.85 6.17 -9.00
N ILE B 27 2.12 5.87 -9.27
CA ILE B 27 2.66 4.55 -8.96
C ILE B 27 2.71 4.31 -7.46
N VAL B 28 3.20 5.30 -6.72
CA VAL B 28 3.28 5.23 -5.26
C VAL B 28 1.89 4.98 -4.69
N LEU B 30 -0.66 3.75 -6.36
CA LEU B 30 -1.17 2.47 -6.84
C LEU B 30 -0.67 1.32 -5.97
N ALA B 31 0.59 1.41 -5.53
CA ALA B 31 1.12 0.44 -4.58
C ALA B 31 0.37 0.50 -3.25
N ASN B 32 0.03 1.72 -2.81
CA ASN B 32 -0.72 1.85 -1.56
C ASN B 32 -2.13 1.30 -1.68
N LEU B 33 -2.75 1.41 -2.86
CA LEU B 33 -4.06 0.81 -3.05
C LEU B 33 -3.99 -0.71 -2.98
N ILE B 34 -2.95 -1.30 -3.56
CA ILE B 34 -2.77 -2.75 -3.48
C ILE B 34 -2.64 -3.18 -2.02
N ALA B 35 -1.79 -2.50 -1.25
CA ALA B 35 -1.57 -2.88 0.14
C ALA B 35 -2.84 -2.68 0.96
N THR B 36 -3.55 -1.57 0.74
CA THR B 36 -4.80 -1.34 1.46
C THR B 36 -5.87 -2.33 1.04
N TYR B 37 -5.90 -2.68 -0.24
CA TYR B 37 -6.90 -3.64 -0.73
C TYR B 37 -6.68 -5.01 -0.11
N LYS B 38 -5.44 -5.48 -0.11
CA LYS B 38 -5.13 -6.76 0.53
C LYS B 38 -5.52 -6.76 2.00
N GLU B 39 -5.48 -5.59 2.65
CA GLU B 39 -5.68 -5.53 4.09
C GLU B 39 -7.14 -5.75 4.46
N LEU B 40 -8.00 -4.81 4.09
CA LEU B 40 -9.42 -4.93 4.41
C LEU B 40 -10.08 -6.12 3.70
N LYS B 41 -9.45 -6.67 2.65
CA LYS B 41 -9.96 -7.89 2.05
C LYS B 41 -9.92 -9.04 3.05
N LYS B 42 -8.91 -9.05 3.90
CA LYS B 42 -8.82 -10.06 4.94
C LYS B 42 -9.87 -9.84 5.99
N GLU B 43 -10.29 -8.61 6.22
CA GLU B 43 -11.37 -8.33 7.16
C GLU B 43 -12.74 -8.66 6.60
N GLY B 44 -12.86 -8.84 5.29
CA GLY B 44 -14.19 -8.97 4.73
C GLY B 44 -14.99 -7.69 4.75
N ASN B 45 -14.32 -6.54 4.72
CA ASN B 45 -15.01 -5.26 4.74
C ASN B 45 -15.13 -4.93 3.26
N GLU B 46 -16.25 -5.36 2.69
CA GLU B 46 -16.41 -5.41 1.24
C GLU B 46 -16.96 -4.13 0.64
N LYS B 47 -17.63 -3.28 1.43
CA LYS B 47 -18.07 -2.00 0.89
C LYS B 47 -16.88 -1.16 0.47
N GLU B 48 -15.79 -1.25 1.25
CA GLU B 48 -14.59 -0.47 0.98
C GLU B 48 -13.77 -1.06 -0.16
N LEU B 49 -13.82 -2.38 -0.36
CA LEU B 49 -13.15 -2.98 -1.51
C LEU B 49 -13.73 -2.46 -2.81
N LYS B 50 -15.07 -2.34 -2.87
CA LYS B 50 -15.71 -1.73 -4.04
C LYS B 50 -15.26 -0.30 -4.24
N LEU B 51 -15.19 0.48 -3.16
CA LEU B 51 -14.73 1.86 -3.26
C LEU B 51 -13.33 1.94 -3.85
N LEU B 52 -12.44 1.05 -3.40
CA LEU B 52 -11.09 1.01 -3.97
C LEU B 52 -11.10 0.54 -5.42
N GLN B 53 -12.04 -0.34 -5.78
CA GLN B 53 -12.18 -0.74 -7.17
C GLN B 53 -12.56 0.45 -8.04
N GLN B 54 -13.44 1.32 -7.53
CA GLN B 54 -13.81 2.52 -8.26
C GLN B 54 -12.62 3.46 -8.43
N SER B 55 -11.88 3.68 -7.35
CA SER B 55 -10.70 4.54 -7.43
C SER B 55 -9.68 4.00 -8.44
N LEU B 56 -9.60 2.67 -8.57
CA LEU B 56 -8.72 2.10 -9.57
C LEU B 56 -9.22 2.38 -10.99
N ALA B 57 -10.54 2.50 -11.15
CA ALA B 57 -11.10 2.72 -12.48
C ALA B 57 -11.08 4.19 -12.87
N HIS B 58 -10.91 5.07 -11.89
CA HIS B 58 -10.67 6.47 -12.19
C HIS B 58 -9.20 6.67 -12.54
N MET B 59 -8.32 6.07 -11.75
CA MET B 59 -6.90 6.00 -12.11
C MET B 59 -6.71 5.45 -13.51
N GLN B 60 -7.52 4.46 -13.89
CA GLN B 60 -7.43 3.91 -15.23
C GLN B 60 -7.84 4.90 -16.30
N ALA B 61 -8.75 5.83 -15.98
CA ALA B 61 -9.19 6.81 -16.98
C ALA B 61 -8.39 8.09 -16.94
N LEU B 62 -7.53 8.26 -15.93
CA LEU B 62 -6.68 9.44 -15.85
C LEU B 62 -5.39 9.20 -16.62
N LEU B 63 -4.82 8.01 -16.48
CA LEU B 63 -3.59 7.65 -17.17
C LEU B 63 -3.82 7.39 -18.65
N GLU B 64 -5.08 7.38 -19.12
CA GLU B 64 -5.35 7.07 -20.53
C GLU B 64 -5.08 8.25 -21.45
N GLN B 65 -5.24 9.48 -20.97
CA GLN B 65 -4.88 10.63 -21.80
C GLN B 65 -3.38 10.67 -22.04
N GLU B 66 -2.59 10.36 -20.99
CA GLU B 66 -1.14 10.53 -21.07
C GLU B 66 -0.53 9.72 -22.21
N GLU B 67 -1.17 8.63 -22.61
CA GLU B 67 -0.70 7.84 -23.74
C GLU B 67 -1.78 7.69 -24.80
N GLU C 3 3.88 -16.55 4.37
CA GLU C 3 2.95 -15.50 4.00
C GLU C 3 3.70 -14.26 3.50
N PHE C 4 4.11 -13.41 4.44
CA PHE C 4 4.94 -12.25 4.12
C PHE C 4 6.33 -12.71 3.68
N GLU C 5 6.89 -13.68 4.41
CA GLU C 5 8.24 -14.16 4.09
C GLU C 5 8.26 -14.81 2.71
N LYS C 6 7.21 -15.57 2.38
CA LYS C 6 7.17 -16.26 1.09
C LYS C 6 7.10 -15.27 -0.07
N ARG C 7 6.37 -14.18 0.09
CA ARG C 7 6.28 -13.19 -0.98
C ARG C 7 7.56 -12.37 -1.08
N ALA C 8 8.16 -12.05 0.07
CA ALA C 8 9.44 -11.36 0.07
C ALA C 8 10.50 -12.21 -0.62
N LYS C 9 10.46 -13.53 -0.41
CA LYS C 9 11.41 -14.43 -1.09
C LYS C 9 11.17 -14.48 -2.59
N GLU C 10 9.92 -14.39 -3.04
CA GLU C 10 9.65 -14.33 -4.47
C GLU C 10 10.24 -13.06 -5.08
N LEU C 11 10.26 -11.96 -4.32
CA LEU C 11 10.89 -10.74 -4.82
C LEU C 11 12.40 -10.89 -4.86
N ILE C 12 12.98 -11.64 -3.93
CA ILE C 12 14.40 -11.95 -3.98
C ILE C 12 14.71 -12.73 -5.25
N GLU C 13 13.84 -13.68 -5.60
CA GLU C 13 14.02 -14.45 -6.83
C GLU C 13 14.10 -13.51 -8.03
N ARG C 14 13.15 -12.58 -8.13
CA ARG C 14 13.13 -11.65 -9.24
C ARG C 14 14.28 -10.64 -9.14
N ALA C 15 14.64 -10.21 -7.94
CA ALA C 15 15.72 -9.24 -7.79
C ALA C 15 17.09 -9.84 -8.11
N LYS C 16 17.30 -11.13 -7.82
CA LYS C 16 18.58 -11.76 -8.06
C LYS C 16 18.92 -11.88 -9.56
N LYS C 17 17.94 -11.71 -10.41
CA LYS C 17 18.14 -11.91 -11.83
C LYS C 17 18.70 -10.73 -12.63
N LEU C 18 18.81 -9.56 -12.03
CA LEU C 18 19.29 -8.38 -12.74
C LEU C 18 20.76 -8.12 -12.49
N ASN C 19 21.35 -8.85 -11.57
CA ASN C 19 22.79 -8.75 -11.36
C ASN C 19 23.35 -7.35 -11.33
N THR C 20 22.88 -6.55 -10.39
CA THR C 20 23.38 -5.20 -10.23
C THR C 20 23.66 -4.94 -8.78
N ARG C 21 24.25 -3.80 -8.50
CA ARG C 21 24.51 -3.45 -7.14
C ARG C 21 23.18 -3.00 -6.57
N SER C 22 22.37 -2.37 -7.41
CA SER C 22 21.07 -1.92 -6.96
C SER C 22 20.22 -3.08 -6.52
N ALA C 23 20.32 -4.19 -7.23
CA ALA C 23 19.46 -5.32 -6.90
C ALA C 23 19.93 -6.04 -5.64
N ARG C 24 21.23 -5.97 -5.34
CA ARG C 24 21.70 -6.57 -4.09
C ARG C 24 21.37 -5.68 -2.92
N THR C 25 21.02 -4.41 -3.18
CA THR C 25 20.54 -3.54 -2.11
C THR C 25 19.08 -3.82 -1.82
N ALA C 26 18.30 -4.16 -2.86
CA ALA C 26 16.94 -4.59 -2.63
C ALA C 26 16.90 -5.95 -1.94
N ILE C 27 17.83 -6.83 -2.28
CA ILE C 27 17.87 -8.15 -1.65
C ILE C 27 18.24 -8.02 -0.18
N VAL C 28 19.27 -7.22 0.12
CA VAL C 28 19.66 -6.97 1.51
C VAL C 28 18.46 -6.42 2.27
N LEU C 30 15.08 -6.77 1.49
CA LEU C 30 14.06 -7.79 1.63
C LEU C 30 14.40 -8.80 2.72
N ALA C 31 15.69 -9.14 2.83
CA ALA C 31 16.13 -10.01 3.92
C ALA C 31 15.91 -9.35 5.28
N ASN C 32 16.18 -8.05 5.38
CA ASN C 32 15.94 -7.34 6.63
C ASN C 32 14.45 -7.20 6.93
N LEU C 33 13.63 -7.05 5.89
CA LEU C 33 12.19 -6.99 6.11
C LEU C 33 11.66 -8.32 6.65
N ILE C 34 12.18 -9.43 6.14
CA ILE C 34 11.79 -10.75 6.65
C ILE C 34 12.13 -10.86 8.13
N ALA C 35 13.36 -10.50 8.50
CA ALA C 35 13.79 -10.64 9.89
C ALA C 35 13.01 -9.72 10.81
N THR C 36 12.74 -8.50 10.38
CA THR C 36 11.98 -7.57 11.22
C THR C 36 10.53 -8.04 11.37
N TYR C 37 9.97 -8.62 10.32
CA TYR C 37 8.59 -9.10 10.37
C TYR C 37 8.42 -10.24 11.37
N LYS C 38 9.32 -11.24 11.30
CA LYS C 38 9.26 -12.35 12.25
C LYS C 38 9.32 -11.87 13.69
N GLU C 39 10.03 -10.76 13.94
CA GLU C 39 10.18 -10.23 15.28
C GLU C 39 8.96 -9.41 15.71
N LEU C 40 8.41 -8.60 14.79
CA LEU C 40 7.20 -7.86 15.15
C LEU C 40 6.00 -8.77 15.29
N LYS C 41 6.00 -9.90 14.58
CA LYS C 41 4.95 -10.89 14.77
C LYS C 41 5.09 -11.57 16.13
N LYS C 42 6.34 -11.83 16.54
CA LYS C 42 6.58 -12.40 17.87
C LYS C 42 6.11 -11.46 18.96
N GLU C 43 6.32 -10.15 18.78
CA GLU C 43 5.86 -9.16 19.75
C GLU C 43 4.36 -8.92 19.71
N GLY C 44 3.66 -9.42 18.70
CA GLY C 44 2.25 -9.09 18.61
C GLY C 44 1.99 -7.66 18.19
N ASN C 45 2.91 -7.07 17.43
CA ASN C 45 2.81 -5.68 17.02
C ASN C 45 2.11 -5.64 15.66
N GLU C 46 0.81 -5.37 15.67
CA GLU C 46 0.00 -5.45 14.47
C GLU C 46 0.07 -4.17 13.65
N LYS C 47 0.40 -3.05 14.27
CA LYS C 47 0.49 -1.79 13.55
C LYS C 47 1.65 -1.79 12.56
N GLU C 48 2.82 -2.32 12.96
CA GLU C 48 4.02 -2.30 12.13
C GLU C 48 4.08 -3.41 11.08
N LEU C 49 3.43 -4.52 11.33
CA LEU C 49 3.39 -5.59 10.38
C LEU C 49 2.67 -5.06 9.16
N LYS C 50 1.72 -4.17 9.35
CA LYS C 50 1.03 -3.54 8.23
C LYS C 50 1.93 -2.60 7.45
N LEU C 51 2.74 -1.80 8.12
CA LEU C 51 3.73 -0.95 7.46
C LEU C 51 4.69 -1.76 6.61
N LEU C 52 5.14 -2.92 7.11
CA LEU C 52 6.02 -3.78 6.32
C LEU C 52 5.29 -4.39 5.15
N GLN C 53 4.00 -4.70 5.31
CA GLN C 53 3.21 -5.17 4.18
C GLN C 53 3.10 -4.09 3.11
N GLN C 54 2.98 -2.83 3.54
CA GLN C 54 2.94 -1.72 2.59
C GLN C 54 4.27 -1.59 1.85
N SER C 55 5.38 -1.63 2.58
CA SER C 55 6.70 -1.56 1.94
C SER C 55 6.93 -2.70 0.96
N LEU C 56 6.37 -3.87 1.24
CA LEU C 56 6.52 -4.99 0.33
C LEU C 56 5.82 -4.73 -1.00
N ALA C 57 4.70 -4.00 -0.99
CA ALA C 57 3.97 -3.75 -2.22
C ALA C 57 4.56 -2.60 -3.00
N HIS C 58 5.39 -1.79 -2.33
CA HIS C 58 6.15 -0.75 -3.00
C HIS C 58 7.40 -1.36 -3.61
N MET C 59 8.02 -2.29 -2.89
CA MET C 59 9.14 -3.03 -3.45
C MET C 59 8.68 -3.90 -4.62
N GLN C 60 7.44 -4.40 -4.56
CA GLN C 60 6.90 -5.13 -5.71
C GLN C 60 6.66 -4.21 -6.90
N ALA C 61 6.38 -2.93 -6.66
CA ALA C 61 6.12 -2.02 -7.77
C ALA C 61 7.39 -1.33 -8.25
N LEU C 62 8.48 -1.46 -7.50
CA LEU C 62 9.77 -0.94 -7.94
C LEU C 62 10.48 -1.99 -8.78
N LEU C 63 10.39 -3.26 -8.41
CA LEU C 63 11.02 -4.35 -9.16
C LEU C 63 10.05 -5.00 -10.11
N GLU C 64 8.85 -4.46 -10.23
CA GLU C 64 7.77 -5.04 -11.06
C GLU C 64 8.22 -6.10 -12.04
N GLN C 65 8.55 -5.68 -13.22
CA GLN C 65 9.10 -6.65 -14.12
C GLN C 65 10.58 -6.60 -13.83
N GLU C 66 11.20 -5.49 -14.18
CA GLU C 66 12.60 -5.35 -13.95
C GLU C 66 13.31 -6.61 -14.43
N GLU D 3 22.83 15.47 -2.91
CA GLU D 3 21.45 15.59 -3.42
C GLU D 3 20.60 14.42 -2.90
N PHE D 4 20.97 13.19 -3.27
CA PHE D 4 20.29 12.00 -2.78
C PHE D 4 20.54 11.81 -1.29
N GLU D 5 21.80 11.95 -0.88
CA GLU D 5 22.15 11.74 0.53
C GLU D 5 21.49 12.78 1.42
N LYS D 6 21.45 14.04 0.98
CA LYS D 6 20.91 15.10 1.82
C LYS D 6 19.43 14.90 2.08
N ARG D 7 18.67 14.43 1.09
CA ARG D 7 17.27 14.16 1.32
C ARG D 7 17.11 12.84 2.08
N ALA D 8 17.93 11.85 1.76
CA ALA D 8 17.91 10.60 2.51
C ALA D 8 18.28 10.84 3.98
N LYS D 9 19.23 11.74 4.23
CA LYS D 9 19.60 12.06 5.60
C LYS D 9 18.45 12.77 6.32
N GLU D 10 17.68 13.58 5.60
CA GLU D 10 16.49 14.16 6.21
C GLU D 10 15.48 13.08 6.57
N LEU D 11 15.39 12.04 5.73
CA LEU D 11 14.48 10.94 6.02
C LEU D 11 14.97 10.10 7.19
N ILE D 12 16.29 9.96 7.34
CA ILE D 12 16.83 9.29 8.53
C ILE D 12 16.39 10.03 9.78
N GLU D 13 16.50 11.36 9.76
CA GLU D 13 16.05 12.14 10.91
C GLU D 13 14.58 11.92 11.17
N ARG D 14 13.73 12.02 10.14
CA ARG D 14 12.30 11.84 10.35
C ARG D 14 12.00 10.42 10.85
N ALA D 15 12.76 9.43 10.37
CA ALA D 15 12.56 8.07 10.86
C ALA D 15 13.04 7.94 12.30
N LYS D 16 14.06 8.71 12.70
CA LYS D 16 14.54 8.64 14.07
C LYS D 16 13.52 9.17 15.07
N LYS D 17 12.62 10.09 14.65
CA LYS D 17 11.65 10.62 15.59
C LYS D 17 10.40 9.76 15.69
N LEU D 18 10.35 8.64 14.98
CA LEU D 18 9.24 7.71 15.11
C LEU D 18 9.53 6.71 16.21
N ASN D 19 10.80 6.43 16.45
CA ASN D 19 11.27 5.64 17.58
C ASN D 19 10.58 4.27 17.59
N THR D 20 10.54 3.64 16.43
CA THR D 20 9.94 2.33 16.26
C THR D 20 10.94 1.38 15.60
N ARG D 21 10.71 0.08 15.80
CA ARG D 21 11.53 -0.94 15.18
C ARG D 21 11.51 -0.88 13.66
N SER D 22 10.33 -0.69 13.06
CA SER D 22 10.27 -0.62 11.61
C SER D 22 11.03 0.58 11.07
N ALA D 23 11.04 1.69 11.81
CA ALA D 23 11.77 2.86 11.32
C ALA D 23 13.26 2.65 11.45
N ARG D 24 13.70 1.80 12.39
CA ARG D 24 15.11 1.48 12.47
C ARG D 24 15.52 0.52 11.37
N THR D 25 14.53 -0.14 10.76
CA THR D 25 14.78 -0.95 9.57
C THR D 25 14.79 -0.07 8.33
N ALA D 26 13.95 0.97 8.32
CA ALA D 26 13.98 1.94 7.25
C ALA D 26 15.27 2.76 7.29
N ILE D 27 15.78 3.05 8.49
CA ILE D 27 17.00 3.84 8.61
C ILE D 27 18.19 3.08 8.04
N VAL D 28 18.32 1.81 8.39
CA VAL D 28 19.39 0.97 7.87
C VAL D 28 19.35 0.93 6.35
N LEU D 30 17.97 3.11 4.26
CA LEU D 30 18.32 4.42 3.69
C LEU D 30 19.84 4.60 3.69
N ALA D 31 20.49 4.13 4.76
CA ALA D 31 21.95 4.14 4.79
C ALA D 31 22.52 3.25 3.69
N ASN D 32 21.91 2.09 3.47
CA ASN D 32 22.35 1.21 2.39
C ASN D 32 22.07 1.84 1.02
N LEU D 33 20.97 2.58 0.90
CA LEU D 33 20.70 3.31 -0.33
C LEU D 33 21.72 4.42 -0.55
N ILE D 34 22.07 5.13 0.52
CA ILE D 34 23.07 6.19 0.43
C ILE D 34 24.39 5.62 -0.07
N ALA D 35 24.83 4.51 0.52
CA ALA D 35 26.10 3.92 0.11
C ALA D 35 26.06 3.42 -1.32
N THR D 36 24.94 2.82 -1.73
CA THR D 36 24.82 2.31 -3.09
C THR D 36 24.76 3.45 -4.11
N TYR D 37 24.03 4.52 -3.79
CA TYR D 37 23.97 5.67 -4.69
C TYR D 37 25.31 6.36 -4.76
N LYS D 38 25.94 6.58 -3.61
CA LYS D 38 27.25 7.22 -3.57
C LYS D 38 28.22 6.50 -4.50
N GLU D 39 28.31 5.17 -4.40
CA GLU D 39 29.31 4.44 -5.16
C GLU D 39 28.96 4.36 -6.64
N LEU D 40 27.70 4.01 -6.97
CA LEU D 40 27.33 3.86 -8.37
C LEU D 40 27.39 5.18 -9.13
N LYS D 41 27.30 6.30 -8.42
CA LYS D 41 27.42 7.60 -9.07
C LYS D 41 28.82 7.84 -9.61
N LYS D 42 29.86 7.45 -8.86
CA LYS D 42 31.22 7.61 -9.36
C LYS D 42 31.45 6.79 -10.62
N GLU D 43 30.81 5.63 -10.75
CA GLU D 43 30.89 4.88 -11.99
C GLU D 43 29.92 5.39 -13.05
N GLY D 44 29.07 6.34 -12.72
CA GLY D 44 28.21 6.98 -13.69
C GLY D 44 27.13 6.10 -14.27
N ASN D 45 26.69 5.07 -13.53
CA ASN D 45 25.65 4.17 -14.04
C ASN D 45 24.32 4.89 -13.85
N GLU D 46 23.88 5.59 -14.89
CA GLU D 46 22.77 6.51 -14.75
C GLU D 46 21.43 5.78 -14.68
N LYS D 47 21.36 4.56 -15.18
CA LYS D 47 20.13 3.78 -15.07
C LYS D 47 19.83 3.45 -13.62
N GLU D 48 20.87 3.13 -12.83
CA GLU D 48 20.67 2.71 -11.45
C GLU D 48 20.45 3.86 -10.48
N LEU D 49 21.05 5.04 -10.71
CA LEU D 49 20.80 6.16 -9.80
C LEU D 49 19.35 6.62 -9.84
N LYS D 50 18.75 6.72 -11.03
CA LYS D 50 17.36 7.10 -11.13
C LYS D 50 16.46 6.09 -10.42
N LEU D 51 16.74 4.80 -10.62
CA LEU D 51 15.98 3.76 -9.94
C LEU D 51 16.06 3.91 -8.41
N LEU D 52 17.27 4.17 -7.90
CA LEU D 52 17.41 4.42 -6.47
C LEU D 52 16.73 5.71 -6.06
N GLN D 53 16.71 6.70 -6.95
CA GLN D 53 15.96 7.92 -6.69
C GLN D 53 14.47 7.64 -6.54
N GLN D 54 13.95 6.72 -7.37
CA GLN D 54 12.56 6.32 -7.23
C GLN D 54 12.31 5.60 -5.91
N SER D 55 13.21 4.69 -5.53
CA SER D 55 13.08 4.01 -4.24
C SER D 55 13.11 5.01 -3.09
N LEU D 56 13.85 6.10 -3.24
CA LEU D 56 13.86 7.13 -2.20
C LEU D 56 12.53 7.85 -2.13
N ALA D 57 11.82 7.99 -3.26
CA ALA D 57 10.56 8.70 -3.26
C ALA D 57 9.42 7.81 -2.83
N HIS D 58 9.65 6.50 -2.84
CA HIS D 58 8.70 5.55 -2.29
C HIS D 58 8.88 5.49 -0.79
N MET D 59 10.13 5.52 -0.32
CA MET D 59 10.37 5.56 1.11
C MET D 59 10.11 6.95 1.69
N GLN D 60 10.25 8.00 0.87
CA GLN D 60 9.90 9.33 1.35
C GLN D 60 8.40 9.47 1.53
N ALA D 61 7.61 8.73 0.75
CA ALA D 61 6.15 8.84 0.88
C ALA D 61 5.59 7.83 1.86
N LEU D 62 6.43 6.88 2.31
CA LEU D 62 6.03 5.93 3.33
C LEU D 62 6.31 6.50 4.72
N LEU D 63 7.41 7.24 4.84
CA LEU D 63 7.80 7.85 6.10
C LEU D 63 7.19 9.24 6.27
N GLU D 64 6.51 9.76 5.25
CA GLU D 64 5.71 10.97 5.38
C GLU D 64 4.27 10.67 5.75
N GLN D 65 3.90 9.40 5.91
CA GLN D 65 2.52 9.04 6.19
C GLN D 65 2.13 9.41 7.62
N GLU D 66 3.05 9.23 8.57
CA GLU D 66 2.71 9.37 9.98
C GLU D 66 2.10 10.72 10.32
N GLU D 67 2.45 11.76 9.57
CA GLU D 67 1.82 13.06 9.74
C GLU D 67 1.55 13.70 8.38
N GLY E 2 -16.85 -8.67 8.75
CA GLY E 2 -16.46 -9.92 8.16
C GLY E 2 -15.64 -10.81 9.07
N GLU E 3 -14.33 -10.81 8.89
CA GLU E 3 -13.42 -11.67 9.66
C GLU E 3 -13.96 -13.10 9.87
N PHE E 4 -14.61 -13.34 11.00
CA PHE E 4 -15.20 -14.63 11.28
C PHE E 4 -16.15 -15.01 10.18
N GLU E 5 -16.93 -14.05 9.71
CA GLU E 5 -17.93 -14.28 8.69
C GLU E 5 -17.34 -14.65 7.37
N LYS E 6 -16.33 -13.91 6.97
CA LYS E 6 -15.68 -14.19 5.72
C LYS E 6 -15.30 -15.65 5.66
N ARG E 7 -14.59 -16.12 6.67
CA ARG E 7 -14.12 -17.49 6.68
C ARG E 7 -15.25 -18.49 6.85
N ALA E 8 -16.25 -18.12 7.64
CA ALA E 8 -17.38 -18.99 7.83
C ALA E 8 -18.15 -19.21 6.53
N LYS E 9 -18.29 -18.18 5.69
CA LYS E 9 -18.96 -18.39 4.41
C LYS E 9 -18.15 -19.27 3.48
N GLU E 10 -16.79 -19.16 3.47
CA GLU E 10 -16.03 -20.11 2.66
C GLU E 10 -16.16 -21.52 3.22
N LEU E 11 -16.35 -21.66 4.53
CA LEU E 11 -16.58 -22.99 5.09
C LEU E 11 -17.93 -23.55 4.67
N ILE E 12 -18.91 -22.68 4.47
CA ILE E 12 -20.23 -23.15 4.01
C ILE E 12 -20.01 -23.72 2.63
N GLU E 13 -19.34 -22.99 1.77
CA GLU E 13 -18.95 -23.56 0.48
C GLU E 13 -17.89 -24.57 0.93
N ARG E 14 -17.28 -25.34 0.08
CA ARG E 14 -16.38 -26.43 0.55
C ARG E 14 -17.31 -27.46 1.15
N ALA E 15 -17.99 -27.12 2.23
CA ALA E 15 -19.00 -28.01 2.76
C ALA E 15 -20.16 -28.14 1.77
N LYS E 16 -20.60 -27.03 1.17
CA LYS E 16 -21.72 -27.04 0.28
C LYS E 16 -21.48 -27.96 -0.92
N LYS E 17 -20.22 -28.20 -1.26
CA LYS E 17 -19.92 -29.13 -2.33
C LYS E 17 -20.18 -30.56 -1.89
N LEU E 18 -19.88 -31.53 -2.76
CA LEU E 18 -20.09 -32.93 -2.41
C LEU E 18 -21.50 -33.16 -1.88
N ASN E 19 -21.61 -33.71 -0.67
CA ASN E 19 -22.92 -33.98 -0.08
C ASN E 19 -22.81 -34.48 1.35
N THR E 20 -23.69 -35.40 1.74
CA THR E 20 -23.68 -35.93 3.10
C THR E 20 -24.56 -35.05 3.99
N ARG E 21 -25.55 -35.65 4.65
CA ARG E 21 -26.44 -34.86 5.46
C ARG E 21 -25.45 -34.43 6.53
N SER E 22 -24.50 -35.30 6.85
CA SER E 22 -23.51 -34.99 7.87
C SER E 22 -22.96 -33.65 7.58
N ALA E 23 -22.79 -33.40 6.29
CA ALA E 23 -22.23 -32.08 5.92
C ALA E 23 -23.27 -30.95 5.84
N ARG E 24 -24.52 -31.28 5.52
CA ARG E 24 -25.55 -30.24 5.55
C ARG E 24 -26.02 -30.24 6.98
N THR E 25 -25.07 -30.38 7.88
CA THR E 25 -25.35 -30.29 9.27
C THR E 25 -24.23 -29.36 9.68
N ALA E 26 -23.11 -29.38 8.94
CA ALA E 26 -22.07 -28.40 9.23
C ALA E 26 -22.44 -27.00 8.77
N ILE E 27 -23.22 -26.88 7.70
CA ILE E 27 -23.59 -25.56 7.17
C ILE E 27 -24.48 -24.82 8.17
N VAL E 28 -25.50 -25.48 8.70
CA VAL E 28 -26.37 -24.87 9.72
C VAL E 28 -25.59 -24.37 10.92
N LEU E 30 -22.70 -23.51 10.97
CA LEU E 30 -21.83 -22.46 10.49
C LEU E 30 -22.60 -21.15 10.39
N ALA E 31 -23.83 -21.23 9.86
CA ALA E 31 -24.72 -20.07 9.82
C ALA E 31 -25.14 -19.63 11.22
N ASN E 32 -25.43 -20.59 12.09
CA ASN E 32 -25.75 -20.23 13.46
C ASN E 32 -24.54 -19.61 14.15
N LEU E 33 -23.33 -20.03 13.76
CA LEU E 33 -22.13 -19.38 14.27
C LEU E 33 -22.04 -17.94 13.74
N ILE E 34 -22.48 -17.69 12.51
CA ILE E 34 -22.60 -16.29 12.08
C ILE E 34 -23.49 -15.51 13.03
N ALA E 35 -24.65 -16.07 13.35
CA ALA E 35 -25.60 -15.34 14.17
C ALA E 35 -25.05 -15.07 15.57
N THR E 36 -24.41 -16.05 16.18
CA THR E 36 -23.90 -15.86 17.54
C THR E 36 -22.75 -14.86 17.59
N TYR E 37 -21.87 -14.88 16.58
CA TYR E 37 -20.75 -13.95 16.56
C TYR E 37 -21.21 -12.51 16.45
N LYS E 38 -22.17 -12.24 15.56
CA LYS E 38 -22.66 -10.88 15.38
C LYS E 38 -23.55 -10.42 16.53
N GLU E 39 -24.08 -11.35 17.33
CA GLU E 39 -24.90 -10.99 18.47
C GLU E 39 -24.06 -10.69 19.70
N LEU E 40 -22.94 -11.35 19.85
CA LEU E 40 -22.10 -11.09 21.00
C LEU E 40 -21.20 -9.90 20.72
N LYS E 41 -21.09 -9.53 19.46
CA LYS E 41 -20.27 -8.42 19.09
C LYS E 41 -21.01 -7.16 19.43
N LYS E 42 -22.31 -7.23 19.34
CA LYS E 42 -23.14 -6.08 19.65
C LYS E 42 -23.12 -5.69 21.12
N GLU E 43 -22.90 -6.64 22.00
CA GLU E 43 -22.85 -6.38 23.43
C GLU E 43 -21.44 -6.29 23.98
N GLY E 44 -20.47 -6.29 23.09
CA GLY E 44 -19.08 -6.20 23.49
C GLY E 44 -18.61 -7.39 24.26
N ASN E 45 -18.19 -8.43 23.57
CA ASN E 45 -17.62 -9.59 24.25
C ASN E 45 -16.61 -10.30 23.38
N GLU E 46 -15.41 -10.48 23.90
CA GLU E 46 -14.39 -11.19 23.15
C GLU E 46 -14.16 -12.56 23.78
N LYS E 47 -14.46 -12.69 25.07
CA LYS E 47 -14.22 -13.98 25.71
C LYS E 47 -14.97 -15.11 25.04
N GLU E 48 -16.26 -14.90 24.74
CA GLU E 48 -17.00 -15.96 24.06
C GLU E 48 -16.77 -15.90 22.55
N LEU E 49 -16.53 -14.70 22.02
CA LEU E 49 -16.25 -14.56 20.59
C LEU E 49 -14.98 -15.27 20.20
N LYS E 50 -13.92 -15.14 21.01
CA LYS E 50 -12.71 -15.91 20.74
C LYS E 50 -12.96 -17.41 20.83
N LEU E 51 -13.65 -17.85 21.89
CA LEU E 51 -13.95 -19.28 22.03
C LEU E 51 -14.75 -19.79 20.85
N LEU E 52 -15.74 -19.00 20.43
CA LEU E 52 -16.55 -19.27 19.26
C LEU E 52 -15.76 -19.11 17.97
N GLN E 53 -14.81 -18.15 17.92
CA GLN E 53 -13.91 -18.08 16.79
C GLN E 53 -13.00 -19.30 16.75
N GLN E 54 -12.48 -19.71 17.90
CA GLN E 54 -11.69 -20.94 17.98
C GLN E 54 -12.55 -22.15 17.64
N SER E 55 -13.80 -22.17 18.10
CA SER E 55 -14.70 -23.25 17.69
C SER E 55 -14.93 -23.16 16.19
N LEU E 56 -14.54 -22.07 15.58
CA LEU E 56 -14.66 -21.94 14.14
C LEU E 56 -13.60 -22.70 13.30
#